data_4PKY
#
_entry.id   4PKY
#
_cell.length_a   96.136
_cell.length_b   96.136
_cell.length_c   182.841
_cell.angle_alpha   90.000
_cell.angle_beta   90.000
_cell.angle_gamma   90.000
#
_symmetry.space_group_name_H-M   'P 41 21 2'
#
loop_
_entity.id
_entity.type
_entity.pdbx_description
1 polymer 'Aryl hydrocarbon receptor nuclear translocator'
2 polymer 'Transforming acidic coiled-coil-containing protein 3'
3 polymer 'Endothelial PAS domain-containing protein 1'
4 non-polymer 'SULFATE ION'
#
loop_
_entity_poly.entity_id
_entity_poly.type
_entity_poly.pdbx_seq_one_letter_code
_entity_poly.pdbx_strand_id
1 'polypeptide(L)'
;GEFKGLNVCQPTRFISRHNIEGIFTFVDHRCVATVGYQPQELLGKNIVEFCHPEDQQLLRDSFQQVVKLKGQVLSVMFRF
RSKNQEWLWMRTSSFTFQNPYSDEIEYIICTNTNVKNSSQE
;
A,D
2 'polypeptide(L)' GEFEVLALQASLRKAQMQNHSLEMTLEQKTKEIDELTRICDDLISKMEKI B,C,E,F
3 'polypeptide(L)'
;GEFKGLDSKTFLSEHSMDMKFTYCDDRITELIGYHPEELLGRSAYEFYHALDSENMTKSHQNLCTKGQVVSGQYRMLAKH
GGYVWLETQGTVIYNPRNLQPQCIMCVNYVLSEIEKN
;
G
#
loop_
_chem_comp.id
_chem_comp.type
_chem_comp.name
_chem_comp.formula
SO4 non-polymer 'SULFATE ION' 'O4 S -2'
#
# COMPACT_ATOMS: atom_id res chain seq x y z
N THR A 12 12.79 4.79 22.52
CA THR A 12 12.15 4.85 23.83
C THR A 12 11.33 6.11 24.03
N ARG A 13 10.60 6.50 22.99
CA ARG A 13 9.68 7.63 23.08
C ARG A 13 8.52 7.41 22.12
N PHE A 14 7.31 7.69 22.57
CA PHE A 14 6.16 7.65 21.69
C PHE A 14 5.16 8.73 22.07
N ILE A 15 4.40 9.15 21.08
CA ILE A 15 3.32 10.12 21.25
C ILE A 15 1.97 9.43 21.46
N SER A 16 1.09 10.08 22.21
CA SER A 16 -0.24 9.57 22.46
C SER A 16 -1.13 10.75 22.72
N ARG A 17 -2.29 10.79 22.07
CA ARG A 17 -3.26 11.82 22.38
C ARG A 17 -4.38 11.15 23.16
N HIS A 18 -5.00 11.91 24.05
CA HIS A 18 -6.03 11.42 24.97
C HIS A 18 -7.23 12.36 25.00
N ASN A 19 -8.31 11.92 25.64
CA ASN A 19 -9.36 12.86 26.04
C ASN A 19 -9.10 13.32 27.47
N ILE A 20 -9.88 14.29 27.92
CA ILE A 20 -9.61 14.93 29.22
C ILE A 20 -9.64 13.89 30.34
N GLU A 21 -10.37 12.80 30.11
CA GLU A 21 -10.56 11.75 31.11
C GLU A 21 -9.31 10.88 31.23
N GLY A 22 -8.45 10.95 30.22
CA GLY A 22 -7.19 10.22 30.20
C GLY A 22 -7.17 9.01 29.28
N ILE A 23 -8.23 8.84 28.51
CA ILE A 23 -8.36 7.68 27.65
C ILE A 23 -7.56 7.81 26.36
N PHE A 24 -6.80 6.78 26.02
CA PHE A 24 -6.07 6.76 24.74
C PHE A 24 -7.05 6.85 23.58
N THR A 25 -6.78 7.78 22.67
CA THR A 25 -7.55 7.91 21.44
C THR A 25 -6.62 7.81 20.22
N PHE A 26 -5.33 7.80 20.48
CA PHE A 26 -4.34 7.51 19.45
C PHE A 26 -2.99 7.24 20.08
N VAL A 27 -2.25 6.30 19.51
CA VAL A 27 -0.89 6.08 19.98
C VAL A 27 -0.02 5.53 18.86
N ASP A 28 1.12 6.18 18.61
CA ASP A 28 1.93 5.76 17.47
C ASP A 28 2.74 4.51 17.81
N HIS A 29 3.10 3.76 16.76
CA HIS A 29 3.62 2.41 16.85
C HIS A 29 4.91 2.24 17.65
N ARG A 30 5.55 3.33 18.04
CA ARG A 30 6.76 3.24 18.86
C ARG A 30 6.46 2.76 20.28
N CYS A 31 5.16 2.64 20.59
CA CYS A 31 4.73 2.10 21.88
C CYS A 31 5.05 0.62 22.00
N VAL A 32 5.02 -0.08 20.87
CA VAL A 32 5.38 -1.49 20.87
C VAL A 32 6.78 -1.67 21.43
N ALA A 33 7.74 -0.97 20.82
CA ALA A 33 9.13 -1.03 21.24
C ALA A 33 9.34 -0.46 22.64
N THR A 34 8.47 0.44 23.06
CA THR A 34 8.66 1.16 24.31
C THR A 34 8.09 0.38 25.50
N VAL A 35 6.81 0.00 25.43
CA VAL A 35 6.15 -0.70 26.53
C VAL A 35 5.66 -2.10 26.18
N GLY A 36 5.76 -2.46 24.90
CA GLY A 36 5.43 -3.81 24.49
C GLY A 36 4.03 -3.99 23.94
N TYR A 37 3.15 -3.02 24.15
CA TYR A 37 1.77 -3.16 23.73
C TYR A 37 1.59 -2.67 22.30
N GLN A 38 0.66 -3.29 21.58
CA GLN A 38 0.25 -2.76 20.28
C GLN A 38 -0.62 -1.54 20.51
N PRO A 39 -0.72 -0.66 19.51
CA PRO A 39 -1.62 0.49 19.65
C PRO A 39 -3.08 0.09 19.96
N GLN A 40 -3.59 -0.94 19.30
CA GLN A 40 -4.96 -1.38 19.52
C GLN A 40 -5.16 -1.86 20.96
N GLU A 41 -4.10 -2.33 21.57
CA GLU A 41 -4.18 -2.84 22.93
C GLU A 41 -4.37 -1.69 23.91
N LEU A 42 -3.85 -0.52 23.54
CA LEU A 42 -3.94 0.64 24.42
C LEU A 42 -5.19 1.47 24.12
N LEU A 43 -5.56 1.56 22.84
CA LEU A 43 -6.67 2.40 22.43
C LEU A 43 -7.94 2.06 23.18
N GLY A 44 -8.61 3.10 23.66
CA GLY A 44 -9.85 2.94 24.39
C GLY A 44 -9.66 2.80 25.89
N LYS A 45 -8.43 2.54 26.33
CA LYS A 45 -8.16 2.39 27.75
C LYS A 45 -7.59 3.66 28.37
N ASN A 46 -7.78 3.78 29.67
CA ASN A 46 -7.26 4.91 30.40
C ASN A 46 -5.84 4.63 30.79
N ILE A 47 -4.99 5.64 30.67
CA ILE A 47 -3.58 5.46 30.91
C ILE A 47 -3.31 5.07 32.36
N VAL A 48 -4.22 5.47 33.25
CA VAL A 48 -4.05 5.20 34.68
C VAL A 48 -4.19 3.71 34.97
N GLU A 49 -4.92 3.00 34.12
CA GLU A 49 -5.05 1.55 34.28
C GLU A 49 -3.68 0.87 34.17
N PHE A 50 -2.74 1.49 33.47
CA PHE A 50 -1.39 0.96 33.27
C PHE A 50 -0.40 1.54 34.24
N CYS A 51 -0.90 2.34 35.17
CA CYS A 51 -0.04 3.09 36.08
C CYS A 51 0.11 2.38 37.44
N HIS A 52 1.30 2.47 38.05
CA HIS A 52 1.54 1.86 39.36
C HIS A 52 0.67 2.52 40.43
N PRO A 53 0.04 1.72 41.30
CA PRO A 53 -0.92 2.24 42.29
C PRO A 53 -0.42 3.42 43.12
N GLU A 54 0.87 3.38 43.45
CA GLU A 54 1.47 4.42 44.26
C GLU A 54 1.59 5.73 43.51
N ASP A 55 1.56 5.65 42.18
CA ASP A 55 1.78 6.81 41.35
C ASP A 55 0.51 7.34 40.70
N GLN A 56 -0.60 6.64 40.86
CA GLN A 56 -1.79 7.02 40.11
C GLN A 56 -2.34 8.36 40.52
N GLN A 57 -2.23 8.69 41.79
CA GLN A 57 -2.75 9.97 42.27
C GLN A 57 -1.94 11.08 41.64
N LEU A 58 -0.63 10.89 41.60
CA LEU A 58 0.27 11.84 40.97
C LEU A 58 -0.08 12.04 39.50
N LEU A 59 -0.40 10.95 38.81
CA LEU A 59 -0.72 10.99 37.38
C LEU A 59 -2.06 11.63 37.12
N ARG A 60 -3.05 11.30 37.93
CA ARG A 60 -4.36 11.90 37.82
C ARG A 60 -4.26 13.42 37.97
N ASP A 61 -3.49 13.83 38.97
CA ASP A 61 -3.32 15.24 39.29
C ASP A 61 -2.73 16.00 38.12
N SER A 62 -1.94 15.30 37.31
CA SER A 62 -1.37 15.87 36.10
C SER A 62 -2.47 16.19 35.08
N PHE A 63 -3.36 15.23 34.85
CA PHE A 63 -4.43 15.39 33.88
C PHE A 63 -5.47 16.43 34.31
N GLN A 64 -5.50 16.74 35.60
CA GLN A 64 -6.41 17.78 36.09
C GLN A 64 -5.86 19.18 35.80
N GLN A 65 -4.54 19.34 35.88
CA GLN A 65 -3.93 20.65 35.74
C GLN A 65 -3.67 21.09 34.29
N VAL A 66 -3.31 20.17 33.41
CA VAL A 66 -3.08 20.53 32.01
C VAL A 66 -4.33 21.16 31.44
N VAL A 67 -5.48 20.71 31.95
CA VAL A 67 -6.77 21.17 31.47
C VAL A 67 -7.04 22.58 31.99
N LYS A 68 -6.53 22.87 33.18
CA LYS A 68 -6.75 24.18 33.79
C LYS A 68 -5.85 25.23 33.12
N LEU A 69 -4.62 24.84 32.79
CA LEU A 69 -3.65 25.74 32.15
C LEU A 69 -3.92 26.05 30.71
N LYS A 70 -4.35 25.03 29.95
CA LYS A 70 -4.78 25.22 28.58
C LYS A 70 -3.68 25.95 27.84
N GLY A 71 -2.71 25.16 27.40
CA GLY A 71 -1.69 25.63 26.49
C GLY A 71 -0.38 25.11 26.99
N GLN A 72 0.02 25.60 28.14
CA GLN A 72 1.36 25.34 28.64
C GLN A 72 1.52 23.89 29.05
N VAL A 73 2.78 23.49 29.21
CA VAL A 73 3.20 22.09 29.32
C VAL A 73 3.50 21.61 30.73
N LEU A 74 2.92 20.46 31.09
CA LEU A 74 3.25 19.81 32.35
C LEU A 74 4.12 18.59 32.09
N SER A 75 4.75 18.10 33.16
CA SER A 75 5.56 16.91 33.11
C SER A 75 5.33 16.10 34.38
N VAL A 76 5.34 14.78 34.24
CA VAL A 76 5.09 13.89 35.37
C VAL A 76 5.90 12.62 35.21
N MET A 77 6.36 12.10 36.35
CA MET A 77 7.16 10.90 36.41
C MET A 77 6.33 9.80 37.05
N PHE A 78 6.24 8.64 36.41
CA PHE A 78 5.46 7.54 36.97
C PHE A 78 5.85 6.20 36.36
N ARG A 79 5.49 5.13 37.06
CA ARG A 79 5.77 3.77 36.61
C ARG A 79 4.64 3.18 35.77
N PHE A 80 5.02 2.58 34.64
CA PHE A 80 4.10 2.04 33.66
C PHE A 80 4.28 0.54 33.58
N ARG A 81 3.20 -0.21 33.72
CA ARG A 81 3.29 -1.65 33.60
C ARG A 81 3.32 -2.06 32.13
N SER A 82 4.44 -2.65 31.74
CA SER A 82 4.64 -3.12 30.37
C SER A 82 3.95 -4.44 30.08
N LYS A 83 3.87 -4.78 28.80
CA LYS A 83 3.30 -6.04 28.34
C LYS A 83 4.02 -7.25 28.95
N ASN A 84 5.32 -7.08 29.16
CA ASN A 84 6.16 -8.08 29.79
C ASN A 84 6.09 -8.01 31.31
N GLN A 85 5.23 -7.12 31.80
CA GLN A 85 4.85 -7.08 33.20
C GLN A 85 6.01 -6.66 34.10
N GLU A 86 6.62 -5.54 33.76
CA GLU A 86 7.65 -4.92 34.59
C GLU A 86 7.40 -3.42 34.62
N TRP A 87 7.75 -2.78 35.74
CA TRP A 87 7.46 -1.36 35.93
C TRP A 87 8.47 -0.38 35.31
N LEU A 88 8.10 0.18 34.16
CA LEU A 88 8.96 1.10 33.42
C LEU A 88 8.79 2.57 33.81
N TRP A 89 9.87 3.25 34.17
CA TRP A 89 9.75 4.65 34.59
C TRP A 89 9.50 5.54 33.37
N MET A 90 8.36 6.21 33.35
CA MET A 90 8.00 7.07 32.22
C MET A 90 7.95 8.53 32.67
N ARG A 91 8.69 9.38 31.95
CA ARG A 91 8.55 10.82 32.06
C ARG A 91 7.70 11.27 30.89
N THR A 92 6.49 11.70 31.21
CA THR A 92 5.53 12.14 30.21
C THR A 92 5.32 13.64 30.30
N SER A 93 5.41 14.30 29.16
CA SER A 93 5.09 15.71 29.06
C SER A 93 3.76 15.86 28.35
N SER A 94 2.90 16.71 28.89
CA SER A 94 1.53 16.82 28.44
C SER A 94 1.14 18.26 28.20
N PHE A 95 0.13 18.47 27.38
CA PHE A 95 -0.40 19.80 27.14
C PHE A 95 -1.66 19.70 26.31
N THR A 96 -2.63 20.56 26.56
CA THR A 96 -3.85 20.53 25.77
C THR A 96 -3.64 21.24 24.45
N PHE A 97 -4.55 20.98 23.52
CA PHE A 97 -4.59 21.71 22.27
C PHE A 97 -5.92 22.43 22.17
N GLN A 98 -5.84 23.75 21.95
CA GLN A 98 -7.01 24.59 21.81
C GLN A 98 -7.42 24.75 20.36
N ASN A 99 -8.72 24.89 20.15
CA ASN A 99 -9.25 25.09 18.82
C ASN A 99 -8.96 26.49 18.29
N ASP A 103 -13.13 28.72 22.60
CA ASP A 103 -11.95 27.90 22.85
C ASP A 103 -12.16 26.90 23.96
N GLU A 104 -12.65 25.73 23.58
CA GLU A 104 -12.68 24.59 24.47
C GLU A 104 -11.42 23.77 24.26
N ILE A 105 -11.53 22.45 24.40
CA ILE A 105 -10.39 21.55 24.27
C ILE A 105 -10.71 20.39 23.33
N GLU A 106 -9.79 20.09 22.43
CA GLU A 106 -9.95 18.96 21.51
C GLU A 106 -9.35 17.69 22.08
N TYR A 107 -8.18 17.82 22.70
CA TYR A 107 -7.46 16.68 23.26
C TYR A 107 -6.20 17.07 24.01
N ILE A 108 -5.68 16.09 24.73
CA ILE A 108 -4.43 16.22 25.45
C ILE A 108 -3.42 15.36 24.72
N ILE A 109 -2.35 15.97 24.24
CA ILE A 109 -1.22 15.22 23.71
C ILE A 109 -0.24 14.86 24.82
N CYS A 110 0.40 13.70 24.68
CA CYS A 110 1.44 13.28 25.62
C CYS A 110 2.64 12.72 24.89
N THR A 111 3.82 13.03 25.40
CA THR A 111 5.05 12.45 24.90
C THR A 111 5.65 11.60 25.99
N ASN A 112 5.37 10.31 25.94
CA ASN A 112 5.87 9.41 26.95
C ASN A 112 7.28 8.98 26.58
N THR A 113 8.19 9.23 27.52
CA THR A 113 9.60 8.85 27.39
C THR A 113 10.03 7.90 28.49
N ASN A 114 10.55 6.75 28.13
CA ASN A 114 11.07 5.82 29.12
C ASN A 114 12.47 6.24 29.63
N VAL A 115 12.64 6.32 30.95
CA VAL A 115 13.88 6.81 31.58
C VAL A 115 14.59 5.82 32.50
N GLU B 2 -4.49 -30.46 -16.24
CA GLU B 2 -5.23 -31.23 -15.23
C GLU B 2 -4.62 -31.04 -13.85
N PHE B 3 -3.45 -31.63 -13.67
CA PHE B 3 -2.72 -31.55 -12.41
C PHE B 3 -1.90 -30.26 -12.36
N GLU B 4 -1.54 -29.74 -13.52
CA GLU B 4 -0.75 -28.52 -13.64
C GLU B 4 -1.57 -27.28 -13.35
N VAL B 5 -2.81 -27.29 -13.82
CA VAL B 5 -3.73 -26.20 -13.53
C VAL B 5 -3.85 -26.00 -12.04
N LEU B 6 -4.05 -27.10 -11.33
CA LEU B 6 -4.23 -27.05 -9.89
C LEU B 6 -3.05 -26.41 -9.16
N ALA B 7 -1.87 -26.51 -9.75
CA ALA B 7 -0.66 -25.97 -9.13
C ALA B 7 -0.59 -24.47 -9.25
N LEU B 8 -0.98 -23.98 -10.42
CA LEU B 8 -1.06 -22.56 -10.70
C LEU B 8 -2.22 -21.94 -9.95
N GLN B 9 -3.33 -22.67 -9.90
CA GLN B 9 -4.51 -22.22 -9.19
C GLN B 9 -4.15 -21.98 -7.73
N ALA B 10 -3.23 -22.79 -7.21
CA ALA B 10 -2.82 -22.67 -5.81
C ALA B 10 -1.84 -21.52 -5.62
N SER B 11 -0.95 -21.36 -6.59
CA SER B 11 0.04 -20.29 -6.53
C SER B 11 -0.57 -18.93 -6.74
N LEU B 12 -1.67 -18.89 -7.47
CA LEU B 12 -2.38 -17.65 -7.64
C LEU B 12 -2.96 -17.21 -6.31
N ARG B 13 -3.80 -18.06 -5.72
CA ARG B 13 -4.51 -17.70 -4.50
C ARG B 13 -3.53 -17.34 -3.39
N LYS B 14 -2.32 -17.91 -3.46
CA LYS B 14 -1.30 -17.59 -2.49
C LYS B 14 -0.86 -16.17 -2.69
N ALA B 15 -0.61 -15.83 -3.94
CA ALA B 15 -0.21 -14.50 -4.31
C ALA B 15 -1.29 -13.55 -3.81
N GLN B 16 -2.53 -13.84 -4.16
CA GLN B 16 -3.63 -12.97 -3.82
C GLN B 16 -3.82 -12.86 -2.33
N MET B 17 -3.41 -13.89 -1.60
CA MET B 17 -3.53 -13.85 -0.16
C MET B 17 -2.54 -12.86 0.39
N GLN B 18 -1.31 -12.94 -0.10
CA GLN B 18 -0.24 -12.08 0.39
C GLN B 18 -0.57 -10.64 0.09
N ASN B 19 -1.06 -10.37 -1.11
CA ASN B 19 -1.44 -9.02 -1.46
C ASN B 19 -2.48 -8.48 -0.50
N HIS B 20 -3.54 -9.24 -0.25
CA HIS B 20 -4.56 -8.76 0.67
C HIS B 20 -3.95 -8.54 2.03
N SER B 21 -2.96 -9.34 2.35
CA SER B 21 -2.29 -9.23 3.63
C SER B 21 -1.44 -7.99 3.67
N LEU B 22 -0.91 -7.60 2.51
CA LEU B 22 -0.05 -6.44 2.44
C LEU B 22 -0.91 -5.23 2.58
N GLU B 23 -2.05 -5.23 1.93
CA GLU B 23 -2.84 -4.03 1.97
C GLU B 23 -3.56 -3.96 3.30
N MET B 24 -3.48 -5.02 4.10
CA MET B 24 -3.97 -4.92 5.47
C MET B 24 -3.00 -4.00 6.19
N THR B 25 -1.73 -4.40 6.22
CA THR B 25 -0.67 -3.62 6.84
C THR B 25 -0.75 -2.18 6.36
N LEU B 26 -0.88 -2.04 5.06
CA LEU B 26 -0.98 -0.76 4.40
C LEU B 26 -2.14 0.07 4.94
N GLU B 27 -3.27 -0.59 5.23
CA GLU B 27 -4.48 0.07 5.70
C GLU B 27 -4.34 0.64 7.10
N GLN B 28 -3.64 -0.10 7.95
CA GLN B 28 -3.45 0.32 9.33
C GLN B 28 -2.28 1.28 9.38
N LYS B 29 -1.42 1.18 8.39
CA LYS B 29 -0.26 2.07 8.29
C LYS B 29 -0.65 3.39 7.69
N THR B 30 -1.82 3.45 7.05
CA THR B 30 -2.31 4.70 6.55
C THR B 30 -3.07 5.44 7.63
N LYS B 31 -3.77 4.70 8.48
CA LYS B 31 -4.43 5.35 9.61
C LYS B 31 -3.38 6.15 10.36
N GLU B 32 -2.22 5.54 10.61
CA GLU B 32 -1.19 6.18 11.43
C GLU B 32 -0.70 7.47 10.78
N ILE B 33 -0.51 7.45 9.47
CA ILE B 33 -0.12 8.65 8.74
C ILE B 33 -1.13 9.75 8.94
N ASP B 34 -2.39 9.44 8.69
CA ASP B 34 -3.45 10.44 8.68
C ASP B 34 -3.54 11.11 10.03
N GLU B 35 -3.43 10.30 11.08
CA GLU B 35 -3.60 10.76 12.44
C GLU B 35 -2.43 11.62 12.91
N LEU B 36 -1.23 11.29 12.43
CA LEU B 36 -0.05 12.06 12.76
C LEU B 36 -0.04 13.39 12.05
N THR B 37 -0.58 13.39 10.85
CA THR B 37 -0.63 14.59 10.05
C THR B 37 -1.52 15.57 10.81
N ARG B 38 -2.62 15.07 11.35
CA ARG B 38 -3.52 15.89 12.13
C ARG B 38 -2.81 16.49 13.32
N ILE B 39 -2.14 15.66 14.10
CA ILE B 39 -1.41 16.13 15.26
C ILE B 39 -0.35 17.13 14.83
N CYS B 40 0.34 16.82 13.76
CA CYS B 40 1.42 17.68 13.28
C CYS B 40 0.89 19.05 12.83
N ASP B 41 -0.17 19.05 12.05
CA ASP B 41 -0.75 20.29 11.55
C ASP B 41 -1.21 21.14 12.72
N ASP B 42 -1.54 20.49 13.83
CA ASP B 42 -2.06 21.16 15.00
C ASP B 42 -0.95 21.67 15.88
N LEU B 43 0.25 21.14 15.71
CA LEU B 43 1.42 21.64 16.42
C LEU B 43 2.01 22.82 15.70
N ILE B 44 1.91 22.81 14.38
CA ILE B 44 2.28 23.98 13.58
C ILE B 44 1.38 25.12 14.01
N SER B 45 0.07 24.86 13.98
CA SER B 45 -0.95 25.84 14.30
C SER B 45 -0.84 26.37 15.72
N LYS B 46 -0.42 25.52 16.65
CA LYS B 46 -0.29 25.90 18.04
C LYS B 46 0.96 26.71 18.28
N MET B 47 2.03 26.33 17.59
CA MET B 47 3.30 26.98 17.80
C MET B 47 3.35 28.32 17.07
N GLU B 48 2.44 28.50 16.12
CA GLU B 48 2.35 29.74 15.35
C GLU B 48 1.73 30.87 16.19
N LYS B 49 0.74 30.53 17.02
CA LYS B 49 0.13 31.48 17.94
C LYS B 49 1.18 32.00 18.90
N ILE B 50 2.11 31.11 19.24
CA ILE B 50 3.19 31.43 20.16
C ILE B 50 4.34 32.14 19.46
N GLU C 2 -5.09 -25.47 -22.95
CA GLU C 2 -3.97 -24.56 -23.18
C GLU C 2 -4.40 -23.12 -22.94
N PHE C 3 -5.70 -22.88 -22.99
CA PHE C 3 -6.22 -21.55 -22.74
C PHE C 3 -6.27 -21.26 -21.26
N GLU C 4 -6.76 -22.23 -20.50
CA GLU C 4 -6.99 -22.03 -19.07
C GLU C 4 -5.69 -21.92 -18.31
N VAL C 5 -4.62 -22.40 -18.90
CA VAL C 5 -3.31 -22.28 -18.26
C VAL C 5 -2.69 -20.91 -18.55
N LEU C 6 -2.81 -20.45 -19.79
CA LEU C 6 -2.24 -19.16 -20.16
C LEU C 6 -2.94 -18.05 -19.41
N ALA C 7 -4.27 -18.10 -19.39
CA ALA C 7 -5.07 -17.12 -18.66
C ALA C 7 -4.72 -17.16 -17.20
N LEU C 8 -4.25 -18.31 -16.75
CA LEU C 8 -3.91 -18.48 -15.36
C LEU C 8 -2.54 -17.90 -15.13
N GLN C 9 -1.60 -18.20 -16.01
CA GLN C 9 -0.27 -17.62 -15.92
C GLN C 9 -0.32 -16.10 -15.98
N ALA C 10 -1.28 -15.58 -16.73
CA ALA C 10 -1.45 -14.14 -16.86
C ALA C 10 -1.91 -13.53 -15.54
N SER C 11 -2.88 -14.17 -14.91
CA SER C 11 -3.40 -13.71 -13.63
C SER C 11 -2.28 -13.65 -12.62
N LEU C 12 -1.43 -14.66 -12.69
CA LEU C 12 -0.33 -14.77 -11.75
C LEU C 12 0.65 -13.61 -11.92
N ARG C 13 1.09 -13.33 -13.14
CA ARG C 13 2.02 -12.22 -13.40
C ARG C 13 1.41 -10.88 -13.04
N LYS C 14 0.09 -10.82 -13.05
CA LYS C 14 -0.62 -9.62 -12.67
C LYS C 14 -0.62 -9.44 -11.17
N ALA C 15 -0.89 -10.54 -10.46
CA ALA C 15 -0.85 -10.52 -9.01
C ALA C 15 0.56 -10.24 -8.53
N GLN C 16 1.54 -10.86 -9.20
CA GLN C 16 2.92 -10.64 -8.83
C GLN C 16 3.27 -9.19 -9.02
N MET C 17 2.79 -8.63 -10.12
CA MET C 17 3.01 -7.21 -10.44
C MET C 17 2.36 -6.35 -9.38
N GLN C 18 1.11 -6.67 -9.07
CA GLN C 18 0.35 -5.94 -8.09
C GLN C 18 0.99 -6.05 -6.70
N ASN C 19 1.79 -7.10 -6.48
CA ASN C 19 2.47 -7.31 -5.21
C ASN C 19 3.70 -6.43 -5.04
N HIS C 20 4.54 -6.39 -6.08
CA HIS C 20 5.73 -5.54 -6.06
C HIS C 20 5.30 -4.11 -5.80
N SER C 21 4.18 -3.73 -6.40
CA SER C 21 3.60 -2.41 -6.22
C SER C 21 3.30 -2.14 -4.76
N LEU C 22 2.64 -3.09 -4.11
CA LEU C 22 2.29 -2.92 -2.71
C LEU C 22 3.51 -2.90 -1.81
N GLU C 23 4.51 -3.72 -2.10
CA GLU C 23 5.68 -3.76 -1.24
C GLU C 23 6.49 -2.46 -1.37
N MET C 24 6.40 -1.80 -2.51
CA MET C 24 7.05 -0.51 -2.69
C MET C 24 6.22 0.57 -2.00
N THR C 25 4.91 0.60 -2.27
CA THR C 25 4.01 1.54 -1.62
C THR C 25 4.09 1.47 -0.10
N LEU C 26 4.38 0.28 0.39
CA LEU C 26 4.44 0.07 1.82
C LEU C 26 5.70 0.72 2.36
N GLU C 27 6.80 0.48 1.67
CA GLU C 27 8.10 0.98 2.08
C GLU C 27 8.08 2.49 2.09
N GLN C 28 7.34 3.06 1.16
CA GLN C 28 7.30 4.50 1.03
C GLN C 28 6.47 5.08 2.14
N LYS C 29 5.44 4.35 2.55
CA LYS C 29 4.58 4.82 3.62
C LYS C 29 5.27 4.70 4.96
N THR C 30 6.24 3.81 5.04
CA THR C 30 6.97 3.64 6.29
C THR C 30 7.92 4.81 6.50
N LYS C 31 8.54 5.27 5.42
CA LYS C 31 9.42 6.43 5.48
C LYS C 31 8.63 7.64 5.92
N GLU C 32 7.41 7.75 5.41
CA GLU C 32 6.56 8.90 5.67
C GLU C 32 6.14 8.92 7.13
N ILE C 33 6.09 7.74 7.75
CA ILE C 33 5.74 7.66 9.16
C ILE C 33 6.87 8.26 9.95
N ASP C 34 8.07 7.74 9.71
CA ASP C 34 9.23 8.03 10.53
C ASP C 34 9.58 9.49 10.41
N GLU C 35 9.14 10.12 9.33
CA GLU C 35 9.40 11.53 9.14
C GLU C 35 8.44 12.39 9.93
N LEU C 36 7.15 12.06 9.88
CA LEU C 36 6.15 12.76 10.70
C LEU C 36 6.40 12.55 12.18
N THR C 37 7.05 11.45 12.51
CA THR C 37 7.53 11.21 13.86
C THR C 37 8.60 12.23 14.22
N ARG C 38 9.60 12.36 13.35
CA ARG C 38 10.74 13.23 13.63
C ARG C 38 10.30 14.68 13.70
N ILE C 39 9.37 15.05 12.84
CA ILE C 39 8.87 16.43 12.82
C ILE C 39 8.11 16.75 14.09
N CYS C 40 7.12 15.93 14.40
CA CYS C 40 6.33 16.13 15.60
C CYS C 40 7.17 16.20 16.86
N ASP C 41 8.15 15.31 16.98
CA ASP C 41 8.98 15.27 18.18
C ASP C 41 9.80 16.55 18.33
N ASP C 42 10.40 17.02 17.24
CA ASP C 42 11.20 18.24 17.30
C ASP C 42 10.37 19.46 17.72
N LEU C 43 9.10 19.49 17.34
CA LEU C 43 8.23 20.61 17.70
C LEU C 43 7.85 20.61 19.17
N ILE C 44 7.44 19.44 19.66
CA ILE C 44 7.16 19.25 21.08
C ILE C 44 8.42 19.52 21.90
N SER C 45 9.53 18.98 21.42
CA SER C 45 10.82 19.12 22.07
C SER C 45 11.19 20.58 22.30
N LYS C 46 10.67 21.47 21.47
CA LYS C 46 11.01 22.88 21.53
C LYS C 46 9.89 23.71 22.15
N MET C 47 8.74 23.11 22.40
CA MET C 47 7.63 23.84 23.01
C MET C 47 7.72 23.80 24.53
N GLU C 48 8.71 23.09 25.06
CA GLU C 48 8.93 23.03 26.51
C GLU C 48 10.03 23.99 26.95
N THR D 12 5.56 0.90 -33.21
CA THR D 12 4.89 1.04 -31.92
C THR D 12 3.42 0.67 -32.03
N ARG D 13 2.84 0.36 -30.88
CA ARG D 13 1.49 -0.19 -30.79
C ARG D 13 0.74 0.55 -29.69
N PHE D 14 -0.58 0.65 -29.82
CA PHE D 14 -1.43 1.14 -28.73
C PHE D 14 -2.81 0.53 -28.77
N ILE D 15 -3.38 0.35 -27.59
CA ILE D 15 -4.70 -0.25 -27.43
C ILE D 15 -5.74 0.84 -27.28
N SER D 16 -6.97 0.55 -27.68
CA SER D 16 -8.03 1.53 -27.57
C SER D 16 -9.38 0.87 -27.41
N ARG D 17 -10.20 1.42 -26.52
CA ARG D 17 -11.53 0.90 -26.32
C ARG D 17 -12.49 1.78 -27.11
N HIS D 18 -13.52 1.14 -27.65
CA HIS D 18 -14.56 1.83 -28.42
C HIS D 18 -15.92 1.29 -28.03
N ASN D 19 -16.95 2.12 -28.19
CA ASN D 19 -18.32 1.64 -28.15
C ASN D 19 -18.69 1.08 -29.52
N ILE D 20 -19.88 0.50 -29.63
CA ILE D 20 -20.29 -0.19 -30.86
C ILE D 20 -20.31 0.76 -32.07
N GLU D 21 -20.54 2.04 -31.81
CA GLU D 21 -20.62 3.04 -32.87
C GLU D 21 -19.24 3.30 -33.47
N GLY D 22 -18.22 3.32 -32.63
CA GLY D 22 -16.86 3.55 -33.06
C GLY D 22 -16.16 4.70 -32.35
N ILE D 23 -16.80 5.22 -31.31
CA ILE D 23 -16.24 6.34 -30.54
C ILE D 23 -15.20 5.84 -29.54
N PHE D 24 -14.10 6.57 -29.42
CA PHE D 24 -13.06 6.27 -28.44
C PHE D 24 -13.54 6.44 -27.02
N THR D 25 -13.47 5.39 -26.21
CA THR D 25 -13.86 5.51 -24.82
C THR D 25 -12.61 5.38 -23.94
N PHE D 26 -11.51 4.96 -24.55
CA PHE D 26 -10.23 4.85 -23.87
C PHE D 26 -9.13 4.77 -24.90
N VAL D 27 -7.94 5.27 -24.56
CA VAL D 27 -6.79 5.06 -25.41
C VAL D 27 -5.58 5.30 -24.54
N ASP D 28 -4.60 4.40 -24.64
CA ASP D 28 -3.47 4.47 -23.72
C ASP D 28 -2.42 5.40 -24.31
N HIS D 29 -1.46 5.80 -23.47
CA HIS D 29 -0.55 6.89 -23.79
C HIS D 29 0.41 6.58 -24.92
N ARG D 30 0.48 5.33 -25.34
CA ARG D 30 1.36 4.99 -26.44
C ARG D 30 0.88 5.64 -27.73
N CYS D 31 -0.37 6.11 -27.76
CA CYS D 31 -0.91 6.73 -28.96
C CYS D 31 -0.16 8.01 -29.32
N VAL D 32 0.46 8.63 -28.33
CA VAL D 32 1.23 9.84 -28.55
C VAL D 32 2.39 9.55 -29.51
N ALA D 33 3.05 8.41 -29.27
CA ALA D 33 4.21 8.00 -30.04
C ALA D 33 3.83 7.34 -31.38
N THR D 34 2.57 6.92 -31.49
CA THR D 34 2.12 6.20 -32.67
C THR D 34 1.45 7.14 -33.69
N VAL D 35 0.58 8.03 -33.23
CA VAL D 35 -0.17 8.91 -34.11
C VAL D 35 -0.09 10.41 -33.76
N GLY D 36 0.57 10.74 -32.66
CA GLY D 36 0.87 12.12 -32.33
C GLY D 36 -0.10 12.78 -31.38
N TYR D 37 -1.35 12.33 -31.38
CA TYR D 37 -2.37 12.90 -30.48
C TYR D 37 -2.25 12.39 -29.05
N GLN D 38 -2.67 13.22 -28.09
CA GLN D 38 -2.81 12.80 -26.70
C GLN D 38 -4.14 12.06 -26.52
N PRO D 39 -4.25 11.20 -25.50
CA PRO D 39 -5.49 10.45 -25.30
C PRO D 39 -6.74 11.33 -25.27
N GLN D 40 -6.63 12.50 -24.65
CA GLN D 40 -7.76 13.42 -24.45
C GLN D 40 -8.24 14.07 -25.76
N GLU D 41 -7.35 14.15 -26.74
CA GLU D 41 -7.68 14.68 -28.06
C GLU D 41 -8.55 13.70 -28.87
N LEU D 42 -8.39 12.40 -28.60
CA LEU D 42 -9.09 11.34 -29.33
C LEU D 42 -10.37 10.91 -28.65
N LEU D 43 -10.37 10.89 -27.33
CA LEU D 43 -11.54 10.50 -26.57
C LEU D 43 -12.73 11.34 -26.97
N GLY D 44 -13.90 10.70 -26.99
CA GLY D 44 -15.13 11.37 -27.38
C GLY D 44 -15.33 11.37 -28.89
N LYS D 45 -14.22 11.37 -29.64
CA LYS D 45 -14.27 11.38 -31.10
C LYS D 45 -14.39 9.98 -31.68
N ASN D 46 -14.98 9.89 -32.86
CA ASN D 46 -15.16 8.63 -33.57
C ASN D 46 -13.88 8.34 -34.36
N ILE D 47 -13.48 7.09 -34.43
CA ILE D 47 -12.24 6.74 -35.11
C ILE D 47 -12.35 7.02 -36.62
N VAL D 48 -13.56 7.02 -37.15
CA VAL D 48 -13.79 7.32 -38.56
C VAL D 48 -13.40 8.77 -38.92
N GLU D 49 -13.53 9.68 -37.96
CA GLU D 49 -13.12 11.08 -38.17
C GLU D 49 -11.64 11.18 -38.54
N PHE D 50 -10.85 10.18 -38.11
CA PHE D 50 -9.41 10.19 -38.32
C PHE D 50 -9.01 9.31 -39.50
N CYS D 51 -10.01 8.70 -40.14
CA CYS D 51 -9.81 7.76 -41.23
C CYS D 51 -9.83 8.42 -42.61
N HIS D 52 -8.99 7.91 -43.51
CA HIS D 52 -8.89 8.45 -44.85
C HIS D 52 -10.20 8.18 -45.58
N PRO D 53 -10.72 9.19 -46.30
CA PRO D 53 -12.04 9.08 -46.93
C PRO D 53 -12.21 7.83 -47.78
N GLU D 54 -11.14 7.42 -48.45
CA GLU D 54 -11.17 6.25 -49.30
C GLU D 54 -11.34 4.97 -48.48
N ASP D 55 -10.92 5.00 -47.22
CA ASP D 55 -10.92 3.82 -46.36
C ASP D 55 -12.04 3.78 -45.34
N GLN D 56 -12.87 4.84 -45.30
CA GLN D 56 -13.88 4.96 -44.26
C GLN D 56 -14.88 3.84 -44.31
N GLN D 57 -15.33 3.51 -45.51
CA GLN D 57 -16.35 2.48 -45.65
C GLN D 57 -15.82 1.14 -45.15
N LEU D 58 -14.55 0.85 -45.44
CA LEU D 58 -13.92 -0.36 -44.94
C LEU D 58 -14.01 -0.39 -43.42
N LEU D 59 -13.70 0.73 -42.80
CA LEU D 59 -13.61 0.82 -41.34
C LEU D 59 -14.99 0.66 -40.72
N ARG D 60 -16.00 1.20 -41.40
CA ARG D 60 -17.37 1.06 -40.91
C ARG D 60 -17.86 -0.39 -41.01
N ASP D 61 -17.58 -1.05 -42.12
CA ASP D 61 -18.00 -2.44 -42.31
C ASP D 61 -17.33 -3.34 -41.27
N SER D 62 -16.18 -2.91 -40.77
CA SER D 62 -15.45 -3.66 -39.74
C SER D 62 -16.18 -3.58 -38.41
N PHE D 63 -16.47 -2.36 -37.98
CA PHE D 63 -17.16 -2.19 -36.72
C PHE D 63 -18.51 -2.85 -36.74
N GLN D 64 -19.16 -2.88 -37.89
CA GLN D 64 -20.44 -3.55 -38.02
C GLN D 64 -20.28 -5.06 -37.82
N GLN D 65 -19.11 -5.58 -38.20
CA GLN D 65 -18.90 -7.03 -38.31
C GLN D 65 -18.44 -7.66 -36.98
N VAL D 66 -17.48 -7.02 -36.31
CA VAL D 66 -16.99 -7.52 -35.01
C VAL D 66 -18.14 -7.71 -34.04
N VAL D 67 -19.13 -6.86 -34.20
CA VAL D 67 -20.34 -6.90 -33.39
C VAL D 67 -21.14 -8.14 -33.76
N LYS D 68 -21.04 -8.56 -35.02
CA LYS D 68 -21.78 -9.73 -35.49
C LYS D 68 -21.02 -11.00 -35.15
N LEU D 69 -19.70 -10.90 -35.00
CA LEU D 69 -18.89 -12.06 -34.62
C LEU D 69 -19.02 -12.35 -33.15
N LYS D 70 -19.08 -11.28 -32.35
CA LYS D 70 -19.21 -11.38 -30.91
C LYS D 70 -18.09 -12.27 -30.37
N GLY D 71 -16.98 -11.62 -30.03
CA GLY D 71 -15.87 -12.30 -29.39
C GLY D 71 -14.69 -12.54 -30.32
N GLN D 72 -14.99 -12.98 -31.54
CA GLN D 72 -13.96 -13.32 -32.51
C GLN D 72 -13.30 -12.08 -33.09
N VAL D 73 -12.11 -12.26 -33.66
CA VAL D 73 -11.25 -11.14 -34.06
C VAL D 73 -11.35 -10.78 -35.53
N LEU D 74 -11.25 -9.49 -35.84
CA LEU D 74 -11.08 -9.03 -37.22
C LEU D 74 -9.79 -8.26 -37.35
N SER D 75 -9.31 -8.15 -38.58
CA SER D 75 -8.06 -7.48 -38.86
C SER D 75 -8.21 -6.57 -40.06
N VAL D 76 -8.02 -5.27 -39.83
CA VAL D 76 -8.21 -4.26 -40.87
C VAL D 76 -6.95 -3.43 -41.08
N MET D 77 -6.85 -2.90 -42.30
CA MET D 77 -5.76 -2.03 -42.70
C MET D 77 -6.36 -0.70 -43.15
N PHE D 78 -5.83 0.41 -42.68
CA PHE D 78 -6.37 1.71 -43.08
C PHE D 78 -5.42 2.85 -42.77
N ARG D 79 -5.70 3.99 -43.38
CA ARG D 79 -4.90 5.18 -43.20
C ARG D 79 -5.50 6.11 -42.14
N PHE D 80 -4.62 6.61 -41.27
CA PHE D 80 -5.01 7.41 -40.11
C PHE D 80 -4.35 8.80 -40.20
N ARG D 81 -5.13 9.87 -40.18
CA ARG D 81 -4.54 11.22 -40.16
C ARG D 81 -3.85 11.46 -38.81
N SER D 82 -2.56 11.78 -38.86
CA SER D 82 -1.82 11.97 -37.62
C SER D 82 -1.90 13.43 -37.20
N LYS D 83 -1.51 13.69 -35.96
CA LYS D 83 -1.45 15.05 -35.44
C LYS D 83 -0.66 15.90 -36.42
N ASN D 84 0.40 15.33 -36.99
CA ASN D 84 1.27 16.04 -37.91
C ASN D 84 0.69 16.15 -39.33
N GLN D 85 -0.59 15.84 -39.47
CA GLN D 85 -1.31 16.00 -40.74
C GLN D 85 -0.71 15.19 -41.88
N GLU D 86 -0.45 13.92 -41.62
CA GLU D 86 0.04 13.00 -42.64
C GLU D 86 -0.70 11.68 -42.46
N TRP D 87 -0.82 10.92 -43.54
CA TRP D 87 -1.55 9.65 -43.49
C TRP D 87 -0.66 8.48 -43.08
N LEU D 88 -0.99 7.85 -41.95
CA LEU D 88 -0.24 6.69 -41.45
C LEU D 88 -1.03 5.43 -41.70
N TRP D 89 -0.42 4.43 -42.32
CA TRP D 89 -1.07 3.14 -42.44
C TRP D 89 -1.10 2.46 -41.08
N MET D 90 -2.32 2.10 -40.66
CA MET D 90 -2.51 1.39 -39.41
C MET D 90 -3.00 -0.02 -39.69
N ARG D 91 -2.48 -0.98 -38.94
CA ARG D 91 -3.05 -2.32 -38.91
C ARG D 91 -3.75 -2.51 -37.57
N THR D 92 -5.06 -2.75 -37.64
CA THR D 92 -5.88 -2.88 -36.45
C THR D 92 -6.56 -4.23 -36.38
N SER D 93 -6.29 -4.99 -35.31
CA SER D 93 -7.01 -6.21 -35.02
C SER D 93 -7.96 -5.94 -33.85
N SER D 94 -9.26 -6.07 -34.11
CA SER D 94 -10.29 -5.71 -33.14
C SER D 94 -11.14 -6.91 -32.73
N PHE D 95 -11.85 -6.77 -31.61
CA PHE D 95 -12.84 -7.77 -31.22
C PHE D 95 -13.73 -7.26 -30.09
N THR D 96 -14.90 -7.86 -29.92
CA THR D 96 -15.81 -7.44 -28.85
C THR D 96 -15.59 -8.23 -27.58
N PHE D 97 -15.87 -7.59 -26.45
CA PHE D 97 -15.90 -8.29 -25.18
C PHE D 97 -17.35 -8.42 -24.76
N GLN D 98 -17.79 -9.65 -24.54
CA GLN D 98 -19.17 -9.92 -24.15
C GLN D 98 -19.35 -10.05 -22.65
N ASN D 99 -20.44 -9.45 -22.15
CA ASN D 99 -20.79 -9.57 -20.75
C ASN D 99 -21.08 -11.02 -20.39
N PRO D 100 -20.52 -11.52 -19.28
CA PRO D 100 -20.79 -12.90 -18.86
C PRO D 100 -22.24 -13.10 -18.40
N GLU D 104 -24.18 -9.62 -23.57
CA GLU D 104 -24.12 -8.48 -24.47
C GLU D 104 -22.71 -7.93 -24.62
N ILE D 105 -22.55 -7.03 -25.58
CA ILE D 105 -21.26 -6.42 -25.89
C ILE D 105 -21.01 -5.19 -25.03
N GLU D 106 -20.00 -5.27 -24.16
CA GLU D 106 -19.60 -4.13 -23.33
C GLU D 106 -18.82 -3.12 -24.14
N TYR D 107 -17.93 -3.58 -25.01
CA TYR D 107 -17.11 -2.68 -25.81
C TYR D 107 -16.28 -3.42 -26.83
N ILE D 108 -15.62 -2.64 -27.68
CA ILE D 108 -14.73 -3.15 -28.70
C ILE D 108 -13.30 -2.76 -28.36
N ILE D 109 -12.43 -3.75 -28.23
CA ILE D 109 -11.01 -3.48 -28.05
C ILE D 109 -10.31 -3.48 -29.41
N CYS D 110 -9.42 -2.51 -29.60
CA CYS D 110 -8.60 -2.44 -30.80
C CYS D 110 -7.12 -2.37 -30.49
N THR D 111 -6.30 -3.07 -31.27
CA THR D 111 -4.86 -2.96 -31.18
C THR D 111 -4.29 -2.39 -32.46
N ASN D 112 -3.94 -1.12 -32.40
CA ASN D 112 -3.49 -0.41 -33.57
C ASN D 112 -1.98 -0.31 -33.61
N THR D 113 -1.42 -0.85 -34.69
CA THR D 113 0.02 -0.90 -34.86
C THR D 113 0.38 -0.08 -36.06
N ASN D 114 1.40 0.74 -35.91
CA ASN D 114 1.86 1.55 -37.02
C ASN D 114 2.72 0.74 -37.98
N VAL D 115 2.26 0.58 -39.22
CA VAL D 115 3.04 -0.11 -40.24
C VAL D 115 3.64 0.87 -41.25
N GLY E 1 16.93 35.95 10.06
CA GLY E 1 15.65 35.70 10.70
C GLY E 1 14.55 36.59 10.16
N GLU E 2 14.87 37.33 9.11
CA GLU E 2 13.93 38.24 8.47
C GLU E 2 13.98 37.97 6.97
N PHE E 3 15.19 37.88 6.46
CA PHE E 3 15.41 37.44 5.10
C PHE E 3 15.19 35.93 5.04
N GLU E 4 15.53 35.24 6.13
CA GLU E 4 15.42 33.79 6.19
C GLU E 4 13.98 33.32 6.27
N VAL E 5 13.12 34.16 6.81
CA VAL E 5 11.70 33.84 6.89
C VAL E 5 11.05 33.90 5.52
N LEU E 6 11.48 34.84 4.70
CA LEU E 6 10.92 34.95 3.37
C LEU E 6 11.43 33.85 2.49
N ALA E 7 12.59 33.33 2.84
CA ALA E 7 13.16 32.24 2.08
C ALA E 7 12.35 30.99 2.34
N LEU E 8 12.01 30.79 3.61
CA LEU E 8 11.20 29.64 3.99
C LEU E 8 9.79 29.73 3.43
N GLN E 9 9.23 30.94 3.36
CA GLN E 9 7.92 31.10 2.76
C GLN E 9 7.98 30.76 1.28
N ALA E 10 9.05 31.18 0.63
CA ALA E 10 9.21 30.94 -0.79
C ALA E 10 9.45 29.47 -1.09
N SER E 11 10.16 28.81 -0.20
CA SER E 11 10.44 27.39 -0.36
C SER E 11 9.21 26.56 -0.13
N LEU E 12 8.39 27.01 0.81
CA LEU E 12 7.18 26.29 1.16
C LEU E 12 6.22 26.35 0.01
N ARG E 13 6.05 27.54 -0.53
CA ARG E 13 5.13 27.71 -1.63
C ARG E 13 5.66 26.94 -2.83
N LYS E 14 6.98 26.81 -2.93
CA LYS E 14 7.56 26.10 -4.07
C LYS E 14 7.26 24.62 -3.99
N ALA E 15 7.52 24.04 -2.83
CA ALA E 15 7.24 22.64 -2.59
C ALA E 15 5.77 22.37 -2.92
N GLN E 16 4.90 23.18 -2.34
CA GLN E 16 3.46 23.01 -2.55
C GLN E 16 3.04 23.12 -4.02
N MET E 17 3.75 23.93 -4.79
CA MET E 17 3.52 24.01 -6.23
C MET E 17 3.92 22.72 -6.90
N GLN E 18 5.05 22.15 -6.48
CA GLN E 18 5.50 20.92 -7.08
C GLN E 18 4.52 19.81 -6.78
N ASN E 19 4.10 19.70 -5.53
CA ASN E 19 3.14 18.67 -5.14
C ASN E 19 1.85 18.74 -5.92
N HIS E 20 1.22 19.92 -5.99
CA HIS E 20 0.01 20.07 -6.78
C HIS E 20 0.26 19.72 -8.24
N SER E 21 1.53 19.78 -8.64
CA SER E 21 1.89 19.45 -10.00
C SER E 21 2.04 17.94 -10.17
N LEU E 22 2.75 17.29 -9.25
CA LEU E 22 2.89 15.84 -9.28
C LEU E 22 1.53 15.17 -9.13
N GLU E 23 0.77 15.62 -8.13
CA GLU E 23 -0.50 14.96 -7.80
C GLU E 23 -1.52 15.16 -8.90
N MET E 24 -1.12 15.90 -9.92
CA MET E 24 -1.93 16.09 -11.10
C MET E 24 -1.61 14.99 -12.08
N THR E 25 -0.32 14.68 -12.18
CA THR E 25 0.17 13.62 -13.05
C THR E 25 -0.36 12.28 -12.54
N LEU E 26 -0.50 12.15 -11.23
CA LEU E 26 -0.98 10.91 -10.64
C LEU E 26 -2.42 10.64 -10.99
N GLU E 27 -3.25 11.66 -10.93
CA GLU E 27 -4.67 11.44 -11.10
C GLU E 27 -4.97 10.97 -12.51
N GLN E 28 -4.05 11.22 -13.43
CA GLN E 28 -4.25 10.79 -14.81
C GLN E 28 -3.52 9.48 -15.09
N LYS E 29 -2.45 9.23 -14.33
CA LYS E 29 -1.77 7.93 -14.41
C LYS E 29 -2.57 6.85 -13.71
N THR E 30 -3.31 7.23 -12.68
CA THR E 30 -4.12 6.26 -11.96
C THR E 30 -5.34 5.98 -12.81
N LYS E 31 -5.82 6.99 -13.52
CA LYS E 31 -6.91 6.81 -14.46
C LYS E 31 -6.55 5.74 -15.50
N GLU E 32 -5.31 5.78 -15.99
CA GLU E 32 -4.86 4.82 -16.98
C GLU E 32 -4.72 3.42 -16.37
N ILE E 33 -4.17 3.35 -15.15
CA ILE E 33 -4.05 2.08 -14.44
C ILE E 33 -5.39 1.38 -14.35
N ASP E 34 -6.37 2.11 -13.83
CA ASP E 34 -7.71 1.58 -13.60
C ASP E 34 -8.38 1.10 -14.89
N GLU E 35 -8.11 1.82 -15.99
CA GLU E 35 -8.65 1.45 -17.28
C GLU E 35 -8.05 0.16 -17.78
N LEU E 36 -6.73 0.09 -17.70
CA LEU E 36 -6.03 -1.07 -18.19
C LEU E 36 -6.29 -2.28 -17.33
N THR E 37 -6.48 -2.07 -16.03
CA THR E 37 -6.74 -3.20 -15.16
C THR E 37 -8.09 -3.81 -15.48
N ARG E 38 -9.04 -2.98 -15.88
CA ARG E 38 -10.34 -3.49 -16.30
C ARG E 38 -10.14 -4.36 -17.52
N ILE E 39 -9.49 -3.81 -18.53
CA ILE E 39 -9.27 -4.50 -19.78
C ILE E 39 -8.54 -5.82 -19.60
N CYS E 40 -7.51 -5.83 -18.76
CA CYS E 40 -6.74 -7.05 -18.57
C CYS E 40 -7.55 -8.12 -17.89
N ASP E 41 -8.33 -7.71 -16.90
CA ASP E 41 -9.18 -8.67 -16.21
C ASP E 41 -10.20 -9.27 -17.18
N ASP E 42 -10.68 -8.47 -18.12
CA ASP E 42 -11.68 -8.92 -19.09
C ASP E 42 -11.06 -9.77 -20.19
N LEU E 43 -9.84 -9.44 -20.58
CA LEU E 43 -9.13 -10.27 -21.54
C LEU E 43 -8.86 -11.62 -20.93
N ILE E 44 -8.40 -11.60 -19.69
CA ILE E 44 -8.17 -12.84 -18.97
C ILE E 44 -9.49 -13.58 -18.86
N SER E 45 -10.54 -12.85 -18.54
CA SER E 45 -11.85 -13.45 -18.32
C SER E 45 -12.38 -14.14 -19.56
N LYS E 46 -12.14 -13.58 -20.74
CA LYS E 46 -12.66 -14.17 -21.96
C LYS E 46 -11.74 -15.25 -22.48
N MET E 47 -10.47 -15.23 -22.07
CA MET E 47 -9.54 -16.25 -22.52
C MET E 47 -9.83 -17.55 -21.79
N GLU E 48 -10.38 -17.43 -20.59
CA GLU E 48 -10.72 -18.61 -19.82
C GLU E 48 -11.76 -19.39 -20.61
N LYS E 49 -12.85 -18.72 -20.98
CA LYS E 49 -13.92 -19.34 -21.73
C LYS E 49 -13.44 -19.81 -23.09
N ILE E 50 -12.81 -18.90 -23.82
CA ILE E 50 -12.23 -19.21 -25.12
C ILE E 50 -10.86 -19.86 -24.92
N GLU F 2 7.11 35.04 17.08
CA GLU F 2 8.32 34.68 17.80
C GLU F 2 8.91 33.39 17.25
N PHE F 3 8.28 32.28 17.60
CA PHE F 3 8.68 30.96 17.12
C PHE F 3 8.10 30.68 15.75
N GLU F 4 7.64 31.74 15.09
CA GLU F 4 7.03 31.61 13.77
C GLU F 4 8.07 31.19 12.71
N VAL F 5 9.34 31.21 13.09
CA VAL F 5 10.41 30.79 12.20
C VAL F 5 10.52 29.28 12.12
N LEU F 6 10.02 28.61 13.15
CA LEU F 6 10.10 27.16 13.26
C LEU F 6 8.86 26.47 12.72
N ALA F 7 7.73 27.16 12.75
CA ALA F 7 6.52 26.61 12.16
C ALA F 7 6.77 26.40 10.67
N LEU F 8 7.26 27.43 10.00
CA LEU F 8 7.55 27.35 8.57
C LEU F 8 8.57 26.26 8.33
N GLN F 9 9.61 26.25 9.17
CA GLN F 9 10.71 25.31 9.00
C GLN F 9 10.20 23.88 9.07
N ALA F 10 9.11 23.69 9.80
CA ALA F 10 8.51 22.38 9.98
C ALA F 10 7.53 22.06 8.86
N SER F 11 6.65 23.01 8.55
CA SER F 11 5.72 22.87 7.44
C SER F 11 6.46 22.51 6.18
N LEU F 12 7.61 23.12 6.01
CA LEU F 12 8.41 22.88 4.83
C LEU F 12 8.88 21.44 4.81
N ARG F 13 9.41 20.95 5.92
CA ARG F 13 9.88 19.57 5.96
C ARG F 13 8.73 18.64 5.65
N LYS F 14 7.53 19.08 6.02
CA LYS F 14 6.35 18.27 5.82
C LYS F 14 5.97 18.29 4.36
N ALA F 15 6.14 19.44 3.71
CA ALA F 15 5.80 19.56 2.31
C ALA F 15 6.79 18.81 1.45
N GLN F 16 8.06 18.84 1.84
CA GLN F 16 9.11 18.18 1.08
C GLN F 16 9.04 16.67 1.21
N MET F 17 8.56 16.21 2.35
CA MET F 17 8.28 14.80 2.57
C MET F 17 7.29 14.24 1.58
N GLN F 18 6.23 15.00 1.34
CA GLN F 18 5.20 14.59 0.41
C GLN F 18 5.69 14.54 -1.02
N ASN F 19 6.66 15.38 -1.37
CA ASN F 19 7.20 15.29 -2.72
C ASN F 19 7.90 13.99 -2.94
N HIS F 20 8.71 13.59 -1.97
CA HIS F 20 9.40 12.34 -2.07
C HIS F 20 8.37 11.23 -2.17
N SER F 21 7.23 11.40 -1.49
CA SER F 21 6.19 10.38 -1.55
C SER F 21 5.61 10.37 -2.94
N LEU F 22 5.18 11.54 -3.39
CA LEU F 22 4.55 11.64 -4.69
C LEU F 22 5.48 11.23 -5.82
N GLU F 23 6.73 11.69 -5.77
CA GLU F 23 7.66 11.40 -6.85
C GLU F 23 8.03 9.91 -6.91
N MET F 24 7.88 9.21 -5.78
CA MET F 24 8.15 7.77 -5.72
C MET F 24 6.90 6.98 -6.08
N THR F 25 5.76 7.45 -5.62
CA THR F 25 4.50 6.91 -6.05
C THR F 25 4.34 7.06 -7.55
N LEU F 26 4.91 8.13 -8.10
CA LEU F 26 4.70 8.42 -9.51
C LEU F 26 5.48 7.42 -10.36
N GLU F 27 6.75 7.21 -10.01
CA GLU F 27 7.61 6.33 -10.80
C GLU F 27 7.22 4.87 -10.61
N GLN F 28 6.59 4.57 -9.48
CA GLN F 28 6.10 3.22 -9.22
C GLN F 28 4.88 2.97 -10.08
N LYS F 29 3.99 3.95 -10.13
CA LYS F 29 2.79 3.86 -10.95
C LYS F 29 3.08 3.87 -12.44
N THR F 30 4.29 4.27 -12.80
CA THR F 30 4.71 4.23 -14.19
C THR F 30 5.22 2.84 -14.55
N LYS F 31 5.90 2.21 -13.60
CA LYS F 31 6.34 0.82 -13.77
C LYS F 31 5.12 -0.05 -13.97
N GLU F 32 4.08 0.24 -13.21
CA GLU F 32 2.86 -0.52 -13.27
C GLU F 32 2.20 -0.40 -14.65
N ILE F 33 2.19 0.80 -15.22
CA ILE F 33 1.61 1.04 -16.54
C ILE F 33 2.31 0.22 -17.63
N ASP F 34 3.63 0.20 -17.58
CA ASP F 34 4.45 -0.44 -18.61
C ASP F 34 4.47 -1.96 -18.45
N GLU F 35 4.13 -2.44 -17.25
CA GLU F 35 4.08 -3.89 -16.99
C GLU F 35 2.68 -4.41 -17.21
N LEU F 36 1.71 -3.51 -17.11
CA LEU F 36 0.31 -3.88 -17.29
C LEU F 36 -0.03 -3.79 -18.76
N THR F 37 0.75 -3.03 -19.49
CA THR F 37 0.56 -2.91 -20.92
C THR F 37 1.29 -4.08 -21.62
N ARG F 38 2.38 -4.55 -21.02
CA ARG F 38 3.08 -5.75 -21.51
C ARG F 38 2.18 -6.96 -21.46
N ILE F 39 1.43 -7.11 -20.36
CA ILE F 39 0.56 -8.26 -20.20
C ILE F 39 -0.51 -8.26 -21.27
N CYS F 40 -1.22 -7.14 -21.37
CA CYS F 40 -2.38 -7.04 -22.25
C CYS F 40 -2.07 -7.36 -23.69
N ASP F 41 -1.16 -6.62 -24.30
CA ASP F 41 -0.94 -6.81 -25.73
C ASP F 41 -0.21 -8.14 -26.00
N ASP F 42 0.35 -8.77 -24.96
CA ASP F 42 0.92 -10.13 -25.11
C ASP F 42 -0.16 -11.19 -24.93
N LEU F 43 -1.22 -10.82 -24.23
CA LEU F 43 -2.37 -11.68 -24.02
C LEU F 43 -3.25 -11.64 -25.27
N ILE F 44 -3.38 -10.44 -25.84
CA ILE F 44 -4.11 -10.25 -27.09
C ILE F 44 -3.38 -10.91 -28.24
N SER F 45 -2.06 -10.80 -28.19
CA SER F 45 -1.19 -11.36 -29.19
C SER F 45 -1.43 -12.86 -29.33
N LYS F 46 -1.61 -13.52 -28.19
CA LYS F 46 -1.73 -14.97 -28.18
C LYS F 46 -3.10 -15.45 -28.63
N MET F 47 -4.10 -14.59 -28.52
CA MET F 47 -5.46 -15.03 -28.82
C MET F 47 -6.01 -14.47 -30.14
N GLU F 48 -5.11 -13.92 -30.96
CA GLU F 48 -5.49 -13.52 -32.31
C GLU F 48 -4.88 -14.51 -33.28
N LYS F 49 -3.84 -15.21 -32.83
CA LYS F 49 -3.26 -16.25 -33.64
C LYS F 49 -4.23 -17.42 -33.75
N ILE F 50 -5.18 -17.49 -32.82
CA ILE F 50 -6.15 -18.59 -32.77
C ILE F 50 -7.48 -18.21 -33.40
N LEU G 6 -7.70 -14.04 8.95
CA LEU G 6 -6.49 -13.45 9.50
C LEU G 6 -6.83 -12.26 10.39
N ASP G 7 -5.87 -11.89 11.23
CA ASP G 7 -6.07 -10.84 12.23
C ASP G 7 -4.97 -9.79 12.08
N SER G 8 -5.01 -8.78 12.95
CA SER G 8 -3.91 -7.82 13.04
C SER G 8 -2.75 -8.47 13.81
N LYS G 9 -3.03 -9.60 14.47
CA LYS G 9 -2.02 -10.36 15.19
C LYS G 9 -1.55 -11.61 14.41
N THR G 10 -1.65 -11.53 13.09
CA THR G 10 -1.23 -12.60 12.18
C THR G 10 -0.13 -12.10 11.25
N PHE G 11 0.88 -12.92 10.99
CA PHE G 11 1.93 -12.58 10.03
C PHE G 11 2.25 -13.79 9.14
N LEU G 12 2.54 -13.51 7.87
CA LEU G 12 2.83 -14.55 6.88
C LEU G 12 4.32 -14.73 6.66
N SER G 13 4.73 -15.97 6.47
CA SER G 13 6.12 -16.28 6.21
C SER G 13 6.21 -17.42 5.20
N GLU G 14 7.26 -17.38 4.39
CA GLU G 14 7.52 -18.38 3.37
C GLU G 14 8.87 -19.06 3.68
N HIS G 15 8.90 -20.38 3.63
CA HIS G 15 10.11 -21.15 3.96
C HIS G 15 10.52 -22.08 2.82
N SER G 16 11.82 -22.32 2.66
CA SER G 16 12.29 -23.42 1.82
C SER G 16 12.00 -24.71 2.56
N MET G 17 12.21 -25.84 1.92
CA MET G 17 11.85 -27.13 2.50
C MET G 17 12.62 -27.41 3.80
N ASP G 18 13.86 -26.93 3.90
CA ASP G 18 14.67 -27.15 5.12
C ASP G 18 14.21 -26.23 6.26
N MET G 19 13.08 -25.56 6.05
CA MET G 19 12.41 -24.71 7.04
C MET G 19 13.14 -23.40 7.32
N LYS G 20 14.07 -23.05 6.43
CA LYS G 20 14.75 -21.76 6.51
C LYS G 20 13.84 -20.66 5.98
N PHE G 21 13.82 -19.52 6.66
CA PHE G 21 13.05 -18.37 6.22
C PHE G 21 13.52 -17.89 4.84
N THR G 22 12.59 -17.69 3.91
CA THR G 22 12.89 -17.10 2.60
C THR G 22 12.13 -15.78 2.42
N TYR G 23 11.15 -15.54 3.29
CA TYR G 23 10.35 -14.32 3.24
C TYR G 23 9.57 -14.14 4.53
N CYS G 24 9.29 -12.89 4.90
CA CYS G 24 8.51 -12.62 6.11
C CYS G 24 7.86 -11.23 6.08
N ASP G 25 6.60 -11.15 6.50
CA ASP G 25 5.87 -9.88 6.55
C ASP G 25 6.55 -8.91 7.50
N ASP G 26 6.26 -7.63 7.33
CA ASP G 26 6.78 -6.60 8.22
C ASP G 26 6.00 -6.61 9.55
N ARG G 27 4.91 -7.38 9.60
CA ARG G 27 4.12 -7.51 10.82
C ARG G 27 4.84 -8.26 11.94
N ILE G 28 5.82 -9.07 11.56
CA ILE G 28 6.60 -9.80 12.56
C ILE G 28 7.39 -8.85 13.45
N THR G 29 7.82 -7.73 12.87
CA THR G 29 8.58 -6.75 13.61
C THR G 29 7.76 -6.22 14.78
N GLU G 30 6.45 -6.02 14.53
CA GLU G 30 5.54 -5.52 15.56
C GLU G 30 5.26 -6.60 16.63
N LEU G 31 5.19 -7.85 16.19
CA LEU G 31 4.70 -8.97 17.01
C LEU G 31 5.80 -9.81 17.68
N ILE G 32 6.99 -9.82 17.08
CA ILE G 32 8.11 -10.59 17.60
C ILE G 32 9.34 -9.70 17.88
N GLY G 33 9.63 -8.78 16.96
CA GLY G 33 10.74 -7.84 17.11
C GLY G 33 11.78 -7.92 16.01
N TYR G 34 11.74 -9.00 15.24
CA TYR G 34 12.71 -9.22 14.16
C TYR G 34 12.40 -8.41 12.90
N HIS G 35 13.47 -7.99 12.20
CA HIS G 35 13.34 -7.43 10.86
C HIS G 35 13.34 -8.57 9.86
N PRO G 36 12.49 -8.49 8.83
CA PRO G 36 12.40 -9.61 7.87
C PRO G 36 13.73 -10.00 7.21
N GLU G 37 14.73 -9.10 7.23
CA GLU G 37 15.99 -9.32 6.52
C GLU G 37 17.06 -10.05 7.36
N GLU G 38 16.89 -10.06 8.68
CA GLU G 38 17.85 -10.74 9.56
C GLU G 38 17.46 -12.20 9.83
N LEU G 39 16.25 -12.58 9.42
CA LEU G 39 15.75 -13.94 9.61
C LEU G 39 16.08 -14.84 8.42
N LEU G 40 16.30 -14.24 7.26
CA LEU G 40 16.52 -15.00 6.02
C LEU G 40 17.73 -15.94 6.15
N GLY G 41 17.49 -17.21 5.83
CA GLY G 41 18.52 -18.22 5.86
C GLY G 41 18.50 -19.05 7.14
N ARG G 42 17.85 -18.53 8.17
CA ARG G 42 17.86 -19.15 9.49
C ARG G 42 16.70 -20.15 9.63
N SER G 43 16.97 -21.31 10.22
CA SER G 43 15.96 -22.35 10.38
C SER G 43 14.92 -21.93 11.42
N ALA G 44 13.64 -22.26 11.18
CA ALA G 44 12.57 -21.93 12.12
C ALA G 44 12.80 -22.57 13.49
N TYR G 45 13.63 -23.61 13.52
CA TYR G 45 13.92 -24.36 14.74
C TYR G 45 14.81 -23.58 15.70
N GLU G 46 15.43 -22.53 15.20
CA GLU G 46 16.34 -21.71 16.00
C GLU G 46 15.58 -20.78 16.95
N PHE G 47 14.26 -20.76 16.81
CA PHE G 47 13.39 -19.84 17.55
C PHE G 47 12.33 -20.58 18.39
N TYR G 48 12.17 -21.89 18.16
CA TYR G 48 11.23 -22.70 18.95
C TYR G 48 11.74 -22.96 20.37
N HIS G 49 10.85 -22.79 21.35
CA HIS G 49 11.21 -23.03 22.74
C HIS G 49 11.68 -24.48 22.85
N ALA G 50 12.56 -24.76 23.80
CA ALA G 50 13.17 -26.08 23.93
C ALA G 50 12.14 -27.18 24.20
N LEU G 51 11.11 -26.84 24.96
CA LEU G 51 10.07 -27.81 25.33
C LEU G 51 9.06 -28.04 24.19
N ASP G 52 9.11 -27.19 23.16
CA ASP G 52 8.24 -27.32 21.97
C ASP G 52 8.98 -27.84 20.75
N SER G 53 10.31 -27.95 20.84
CA SER G 53 11.11 -28.34 19.69
C SER G 53 10.73 -29.73 19.20
N GLU G 54 10.43 -30.62 20.13
CA GLU G 54 10.09 -32.00 19.79
C GLU G 54 8.72 -32.08 19.09
N ASN G 55 7.76 -31.30 19.57
CA ASN G 55 6.40 -31.28 19.01
C ASN G 55 6.33 -30.62 17.63
N MET G 56 7.15 -29.58 17.42
CA MET G 56 7.22 -28.89 16.14
C MET G 56 7.92 -29.74 15.09
N THR G 57 8.76 -30.66 15.53
CA THR G 57 9.44 -31.61 14.64
C THR G 57 8.45 -32.63 14.09
N LYS G 58 7.51 -33.06 14.92
CA LYS G 58 6.47 -34.00 14.52
C LYS G 58 5.43 -33.31 13.64
N SER G 59 5.28 -32.01 13.82
CA SER G 59 4.36 -31.22 12.98
C SER G 59 4.95 -30.98 11.60
N HIS G 60 6.27 -30.80 11.53
CA HIS G 60 6.95 -30.59 10.25
C HIS G 60 6.96 -31.87 9.40
N GLN G 61 7.01 -33.02 10.06
CA GLN G 61 6.97 -34.31 9.35
C GLN G 61 5.56 -34.59 8.81
N ASN G 62 4.53 -34.15 9.53
CA ASN G 62 3.14 -34.26 9.07
C ASN G 62 2.82 -33.29 7.95
N LEU G 63 3.53 -32.18 7.92
CA LEU G 63 3.38 -31.18 6.87
C LEU G 63 3.91 -31.72 5.54
N CYS G 64 5.13 -32.26 5.57
CA CYS G 64 5.74 -32.84 4.39
C CYS G 64 4.93 -34.03 3.90
N THR G 65 4.29 -34.72 4.85
CA THR G 65 3.55 -35.94 4.57
C THR G 65 2.13 -35.67 4.02
N LYS G 66 1.40 -34.75 4.65
CA LYS G 66 -0.03 -34.55 4.37
C LYS G 66 -0.33 -33.30 3.56
N GLY G 67 0.67 -32.46 3.34
CA GLY G 67 0.52 -31.29 2.50
C GLY G 67 0.29 -30.05 3.35
N GLN G 68 -0.47 -30.21 4.44
CA GLN G 68 -0.68 -29.11 5.39
C GLN G 68 -0.96 -29.58 6.81
N VAL G 69 -0.85 -28.66 7.77
CA VAL G 69 -0.98 -28.99 9.19
C VAL G 69 -1.05 -27.75 10.09
N VAL G 70 -1.80 -27.89 11.18
CA VAL G 70 -1.84 -26.89 12.25
C VAL G 70 -0.86 -27.31 13.35
N SER G 71 0.08 -26.42 13.70
CA SER G 71 1.20 -26.80 14.56
C SER G 71 0.78 -26.94 16.03
N GLY G 72 -0.34 -26.32 16.37
CA GLY G 72 -0.79 -26.29 17.75
C GLY G 72 0.06 -25.27 18.51
N GLN G 73 -0.25 -25.05 19.79
CA GLN G 73 0.37 -23.95 20.53
C GLN G 73 1.83 -24.23 20.86
N TYR G 74 2.71 -23.31 20.45
CA TYR G 74 4.15 -23.41 20.71
C TYR G 74 4.72 -22.02 21.01
N ARG G 75 5.92 -21.98 21.56
CA ARG G 75 6.56 -20.72 21.94
C ARG G 75 7.69 -20.35 20.98
N MET G 76 7.62 -19.14 20.40
CA MET G 76 8.67 -18.63 19.52
C MET G 76 9.52 -17.56 20.23
N LEU G 77 10.84 -17.68 20.14
CA LEU G 77 11.78 -16.75 20.78
C LEU G 77 11.69 -15.35 20.19
N ALA G 78 11.39 -14.38 21.04
CA ALA G 78 11.34 -12.99 20.61
C ALA G 78 12.74 -12.39 20.54
N LYS G 79 12.92 -11.40 19.67
CA LYS G 79 14.24 -10.80 19.45
C LYS G 79 14.79 -10.18 20.73
N HIS G 80 13.95 -9.40 21.40
CA HIS G 80 14.38 -8.67 22.60
C HIS G 80 13.92 -9.37 23.87
N GLY G 81 13.80 -10.69 23.77
CA GLY G 81 13.59 -11.54 24.93
C GLY G 81 12.15 -11.91 25.20
N GLY G 82 11.98 -13.00 25.93
CA GLY G 82 10.67 -13.54 26.21
C GLY G 82 10.25 -14.51 25.13
N TYR G 83 9.03 -15.05 25.29
CA TYR G 83 8.46 -15.96 24.30
C TYR G 83 6.99 -15.60 24.03
N VAL G 84 6.58 -15.68 22.76
CA VAL G 84 5.18 -15.47 22.39
C VAL G 84 4.54 -16.76 21.93
N TRP G 85 3.33 -17.01 22.40
CA TRP G 85 2.61 -18.20 22.04
C TRP G 85 2.01 -18.04 20.64
N LEU G 86 2.46 -18.90 19.73
CA LEU G 86 2.00 -18.88 18.35
C LEU G 86 1.31 -20.17 17.96
N GLU G 87 0.54 -20.12 16.89
CA GLU G 87 0.08 -21.32 16.21
C GLU G 87 0.30 -21.11 14.72
N THR G 88 0.75 -22.16 14.03
CA THR G 88 1.16 -22.05 12.64
C THR G 88 0.42 -23.03 11.74
N GLN G 89 -0.18 -22.47 10.70
CA GLN G 89 -0.80 -23.25 9.66
C GLN G 89 0.16 -23.30 8.48
N GLY G 90 0.89 -24.40 8.37
CA GLY G 90 1.82 -24.59 7.27
C GLY G 90 1.07 -25.15 6.08
N THR G 91 1.65 -24.98 4.90
CA THR G 91 1.05 -25.45 3.64
C THR G 91 2.14 -25.65 2.61
N VAL G 92 2.21 -26.82 1.99
CA VAL G 92 3.24 -27.07 0.99
C VAL G 92 2.75 -26.61 -0.39
N ILE G 93 3.60 -25.83 -1.07
CA ILE G 93 3.31 -25.30 -2.40
C ILE G 93 4.22 -25.95 -3.45
N TYR G 94 3.60 -26.59 -4.44
CA TYR G 94 4.31 -27.18 -5.57
C TYR G 94 4.15 -26.19 -6.75
N ASN G 95 5.21 -26.00 -7.54
CA ASN G 95 5.18 -25.13 -8.71
C ASN G 95 4.72 -25.85 -9.98
N GLN G 102 8.15 -26.95 -3.75
CA GLN G 102 8.82 -25.68 -4.00
C GLN G 102 9.17 -24.97 -2.69
N CYS G 103 8.15 -24.72 -1.87
CA CYS G 103 8.34 -24.00 -0.62
C CYS G 103 7.22 -24.33 0.38
N ILE G 104 7.36 -23.85 1.61
CA ILE G 104 6.32 -23.96 2.62
C ILE G 104 5.77 -22.58 2.92
N MET G 105 4.44 -22.47 2.88
CA MET G 105 3.75 -21.22 3.18
C MET G 105 3.13 -21.32 4.56
N CYS G 106 3.70 -20.60 5.53
CA CYS G 106 3.17 -20.61 6.88
C CYS G 106 2.29 -19.39 7.11
N VAL G 107 1.31 -19.54 8.00
CA VAL G 107 0.51 -18.43 8.47
C VAL G 107 0.49 -18.51 9.99
N ASN G 108 1.21 -17.60 10.63
CA ASN G 108 1.41 -17.65 12.06
C ASN G 108 0.50 -16.70 12.83
N TYR G 109 -0.18 -17.22 13.84
CA TYR G 109 -1.07 -16.40 14.67
C TYR G 109 -0.48 -16.22 16.06
N VAL G 110 -0.43 -14.97 16.51
CA VAL G 110 -0.04 -14.66 17.88
C VAL G 110 -1.28 -14.80 18.78
N LEU G 111 -1.10 -15.40 19.95
CA LEU G 111 -2.18 -15.65 20.90
C LEU G 111 -2.14 -14.73 22.12
S SO4 H . -12.75 -15.09 -8.24
O1 SO4 H . -13.32 -15.71 -9.44
O2 SO4 H . -11.35 -14.74 -8.51
O3 SO4 H . -13.50 -13.88 -7.91
O4 SO4 H . -12.82 -16.03 -7.13
S SO4 I . -8.79 -10.34 -5.87
O1 SO4 I . -8.08 -11.16 -4.89
O2 SO4 I . -9.41 -11.20 -6.89
O3 SO4 I . -9.84 -9.57 -5.18
O4 SO4 I . -7.84 -9.42 -6.52
#